data_4Y6L
#
_entry.id   4Y6L
#
_cell.length_a   37.102
_cell.length_b   48.824
_cell.length_c   97.147
_cell.angle_alpha   101.05
_cell.angle_beta   91.53
_cell.angle_gamma   112.07
#
_symmetry.space_group_name_H-M   'P 1'
#
loop_
_entity.id
_entity.type
_entity.pdbx_description
1 polymer 'NAD-dependent protein deacetylase sirtuin-2'
2 polymer 'peptide THR-ALA-ARG-MYK-SER-THR-GLY'
3 non-polymer 'ZINC ION'
4 water water
#
loop_
_entity_poly.entity_id
_entity_poly.type
_entity_poly.pdbx_seq_one_letter_code
_entity_poly.pdbx_strand_id
1 'polypeptide(L)'
;GSQKERLLDELTLEGVARYMQSERCRRVICLVGAGISTSAGIPDFRSPSTGLYDNLEKYHLPYPEAIFEISYFKKHPEPF
FALAKELYPGQFKPTICHYFMRLLKDKGLLLRCYTQNIDTLERIAGLEQEDLVEAHGTFYTSHCVSASCRHEYPLSWMKE
KIFSEVTPKCEDCQSLVKPDIVFFGESLPARFFSCMQSDFLKVDLLLVMGTSLQVQPFASLISKAPLSTPRLLINKEKAG
GGGMDFDSKKAYRDVAWLGECDQGCLALAELLGWKKELEDLVRREHASIDAQS
;
A,B
2 'polypeptide(L)' TAR(MYK)STG C,D
#
# COMPACT_ATOMS: atom_id res chain seq x y z
N GLU A 5 -28.79 33.26 15.19
CA GLU A 5 -28.60 34.12 13.98
C GLU A 5 -29.35 33.60 12.75
N ARG A 6 -29.72 34.53 11.87
CA ARG A 6 -30.24 34.21 10.54
C ARG A 6 -29.16 34.57 9.53
N LEU A 7 -28.63 33.57 8.85
CA LEU A 7 -27.52 33.77 7.91
C LEU A 7 -27.92 33.68 6.44
N LEU A 8 -28.94 32.87 6.14
CA LEU A 8 -29.49 32.82 4.79
C LEU A 8 -30.57 33.88 4.64
N ASP A 9 -30.51 34.63 3.54
CA ASP A 9 -31.58 35.61 3.25
C ASP A 9 -32.91 34.92 2.94
N GLU A 10 -32.86 33.88 2.10
CA GLU A 10 -34.04 33.04 1.81
C GLU A 10 -33.66 31.56 1.80
N LEU A 11 -34.64 30.71 2.15
CA LEU A 11 -34.43 29.27 2.25
C LEU A 11 -34.55 28.55 0.90
N THR A 12 -33.60 28.90 0.01
CA THR A 12 -33.58 28.46 -1.38
C THR A 12 -32.15 28.13 -1.78
N LEU A 13 -31.98 27.42 -2.90
CA LEU A 13 -30.65 27.16 -3.46
C LEU A 13 -29.92 28.45 -3.83
N GLU A 14 -30.68 29.43 -4.33
CA GLU A 14 -30.18 30.77 -4.63
C GLU A 14 -29.69 31.48 -3.37
N GLY A 15 -30.44 31.33 -2.28
CA GLY A 15 -30.08 31.84 -0.95
C GLY A 15 -28.76 31.28 -0.46
N VAL A 16 -28.62 29.95 -0.56
CA VAL A 16 -27.38 29.26 -0.18
C VAL A 16 -26.19 29.73 -1.03
N ALA A 17 -26.42 29.87 -2.34
CA ALA A 17 -25.39 30.35 -3.27
C ALA A 17 -24.91 31.76 -2.94
N ARG A 18 -25.85 32.66 -2.65
CA ARG A 18 -25.51 34.03 -2.21
C ARG A 18 -24.68 34.02 -0.93
N TYR A 19 -25.10 33.18 0.03
CA TYR A 19 -24.39 33.00 1.29
C TYR A 19 -22.96 32.51 1.07
N MET A 20 -22.79 31.49 0.21
CA MET A 20 -21.47 30.95 -0.13
C MET A 20 -20.53 32.00 -0.74
N GLN A 21 -21.10 32.90 -1.54
CA GLN A 21 -20.35 33.98 -2.19
C GLN A 21 -19.95 35.10 -1.22
N SER A 22 -20.64 35.20 -0.08
CA SER A 22 -20.37 36.24 0.92
C SER A 22 -19.13 35.92 1.75
N GLU A 23 -18.52 36.96 2.32
CA GLU A 23 -17.31 36.83 3.16
C GLU A 23 -17.52 35.91 4.36
N ARG A 24 -18.74 35.92 4.91
CA ARG A 24 -19.13 35.11 6.08
C ARG A 24 -18.89 33.61 5.92
N CYS A 25 -19.17 33.09 4.72
CA CYS A 25 -19.04 31.66 4.45
C CYS A 25 -17.62 31.29 4.02
N ARG A 26 -16.81 30.88 5.01
CA ARG A 26 -15.39 30.59 4.78
C ARG A 26 -15.07 29.11 4.76
N ARG A 27 -15.77 28.34 5.60
CA ARG A 27 -15.49 26.91 5.80
C ARG A 27 -16.74 26.04 5.74
N VAL A 28 -16.70 25.07 4.83
CA VAL A 28 -17.83 24.21 4.51
C VAL A 28 -17.47 22.77 4.88
N ILE A 29 -18.36 22.09 5.59
CA ILE A 29 -18.25 20.64 5.81
C ILE A 29 -19.23 19.94 4.88
N CYS A 30 -18.71 18.94 4.15
CA CYS A 30 -19.56 18.05 3.36
C CYS A 30 -19.80 16.77 4.12
N LEU A 31 -21.05 16.33 4.12
CA LEU A 31 -21.46 15.04 4.69
C LEU A 31 -22.08 14.26 3.55
N VAL A 32 -21.47 13.14 3.18
CA VAL A 32 -21.88 12.44 1.95
C VAL A 32 -22.15 10.95 2.15
N GLY A 33 -23.07 10.44 1.34
CA GLY A 33 -23.42 9.02 1.37
C GLY A 33 -23.57 8.39 -0.01
N ALA A 34 -24.27 7.27 -0.03
CA ALA A 34 -24.31 6.38 -1.21
C ALA A 34 -24.79 7.06 -2.49
N GLY A 35 -25.69 8.03 -2.34
CA GLY A 35 -26.26 8.77 -3.46
C GLY A 35 -25.28 9.58 -4.29
N ILE A 36 -24.09 9.85 -3.75
CA ILE A 36 -23.08 10.57 -4.53
C ILE A 36 -22.26 9.66 -5.44
N SER A 37 -22.45 8.34 -5.32
CA SER A 37 -21.66 7.38 -6.08
C SER A 37 -22.49 6.47 -7.00
N THR A 38 -23.81 6.62 -6.96
CA THR A 38 -24.68 5.83 -7.84
C THR A 38 -24.42 6.10 -9.33
N SER A 39 -24.13 7.34 -9.70
CA SER A 39 -23.82 7.66 -11.10
C SER A 39 -22.39 7.25 -11.53
N ALA A 40 -21.60 6.77 -10.56
CA ALA A 40 -20.30 6.17 -10.83
C ALA A 40 -20.40 4.65 -10.93
N GLY A 41 -21.63 4.16 -11.05
CA GLY A 41 -21.90 2.73 -11.20
C GLY A 41 -21.70 1.90 -9.94
N ILE A 42 -21.79 2.55 -8.77
CA ILE A 42 -21.80 1.85 -7.48
C ILE A 42 -23.20 2.01 -6.85
N PRO A 43 -24.00 0.93 -6.83
CA PRO A 43 -25.36 0.97 -6.30
C PRO A 43 -25.41 1.20 -4.79
N ASP A 44 -26.53 1.75 -4.32
CA ASP A 44 -26.80 1.94 -2.90
C ASP A 44 -26.94 0.57 -2.23
N PHE A 45 -25.93 0.20 -1.43
CA PHE A 45 -25.81 -1.16 -0.81
C PHE A 45 -27.02 -1.60 -0.01
N ARG A 46 -27.70 -0.63 0.62
CA ARG A 46 -28.98 -0.84 1.30
C ARG A 46 -30.06 -1.15 0.27
N ASN A 55 -29.32 -13.53 -6.42
CA ASN A 55 -28.20 -14.45 -6.28
C ASN A 55 -27.95 -14.94 -4.85
N LEU A 56 -28.17 -14.06 -3.87
CA LEU A 56 -27.84 -14.32 -2.47
C LEU A 56 -28.78 -15.29 -1.74
N GLU A 57 -29.87 -15.68 -2.41
CA GLU A 57 -30.85 -16.63 -1.85
C GLU A 57 -30.24 -17.94 -1.36
N LYS A 58 -29.19 -18.39 -2.06
CA LYS A 58 -28.53 -19.68 -1.79
C LYS A 58 -27.88 -19.77 -0.40
N TYR A 59 -27.62 -18.61 0.21
CA TYR A 59 -26.98 -18.54 1.52
C TYR A 59 -27.97 -18.60 2.69
N HIS A 60 -29.26 -18.42 2.38
CA HIS A 60 -30.34 -18.46 3.37
C HIS A 60 -30.01 -17.59 4.58
N LEU A 61 -29.70 -16.32 4.29
CA LEU A 61 -29.41 -15.31 5.33
C LEU A 61 -30.58 -15.22 6.31
N PRO A 62 -30.29 -15.06 7.63
CA PRO A 62 -31.38 -14.93 8.60
C PRO A 62 -32.29 -13.73 8.29
N TYR A 63 -31.68 -12.65 7.79
CA TYR A 63 -32.38 -11.46 7.29
C TYR A 63 -31.37 -10.75 6.36
N PRO A 64 -31.86 -9.91 5.42
CA PRO A 64 -30.94 -9.31 4.44
C PRO A 64 -29.77 -8.50 5.02
N GLU A 65 -30.02 -7.76 6.12
CA GLU A 65 -29.00 -6.88 6.71
C GLU A 65 -27.82 -7.62 7.37
N ALA A 66 -27.96 -8.92 7.61
CA ALA A 66 -26.91 -9.73 8.23
C ALA A 66 -25.61 -9.71 7.42
N ILE A 67 -25.74 -9.48 6.11
CA ILE A 67 -24.62 -9.43 5.17
C ILE A 67 -23.59 -8.32 5.50
N PHE A 68 -24.03 -7.28 6.21
CA PHE A 68 -23.14 -6.18 6.61
C PHE A 68 -22.88 -6.07 8.12
N GLU A 69 -23.32 -7.09 8.86
CA GLU A 69 -23.12 -7.13 10.31
C GLU A 69 -21.85 -7.91 10.65
N ILE A 70 -21.02 -7.33 11.52
CA ILE A 70 -19.72 -7.93 11.85
C ILE A 70 -19.81 -9.34 12.47
N SER A 71 -20.77 -9.55 13.36
CA SER A 71 -20.92 -10.85 14.02
C SER A 71 -21.24 -11.96 13.03
N TYR A 72 -22.14 -11.67 12.09
CA TYR A 72 -22.48 -12.63 11.06
C TYR A 72 -21.33 -12.83 10.10
N PHE A 73 -20.72 -11.72 9.66
CA PHE A 73 -19.64 -11.76 8.69
C PHE A 73 -18.46 -12.62 9.13
N LYS A 74 -18.06 -12.50 10.40
CA LYS A 74 -16.86 -13.18 10.89
C LYS A 74 -16.99 -14.69 10.86
N LYS A 75 -18.22 -15.19 11.00
CA LYS A 75 -18.52 -16.62 10.94
C LYS A 75 -18.97 -17.10 9.56
N HIS A 76 -19.63 -16.21 8.80
CA HIS A 76 -20.11 -16.54 7.46
C HIS A 76 -19.78 -15.40 6.49
N PRO A 77 -18.51 -15.33 6.03
CA PRO A 77 -18.09 -14.22 5.16
C PRO A 77 -18.47 -14.37 3.69
N GLU A 78 -18.85 -15.58 3.29
CA GLU A 78 -19.12 -15.91 1.88
C GLU A 78 -20.20 -15.03 1.23
N PRO A 79 -21.37 -14.80 1.89
CA PRO A 79 -22.37 -13.93 1.26
C PRO A 79 -21.83 -12.52 0.96
N PHE A 80 -21.07 -11.94 1.89
CA PHE A 80 -20.50 -10.61 1.67
C PHE A 80 -19.60 -10.58 0.44
N PHE A 81 -18.72 -11.56 0.32
CA PHE A 81 -17.77 -11.59 -0.79
C PHE A 81 -18.43 -11.90 -2.13
N ALA A 82 -19.51 -12.69 -2.10
CA ALA A 82 -20.35 -12.94 -3.28
C ALA A 82 -20.99 -11.65 -3.78
N LEU A 83 -21.53 -10.85 -2.86
CA LEU A 83 -22.10 -9.54 -3.17
C LEU A 83 -21.03 -8.58 -3.68
N ALA A 84 -19.86 -8.60 -3.04
CA ALA A 84 -18.71 -7.79 -3.47
C ALA A 84 -18.36 -8.03 -4.93
N LYS A 85 -18.39 -9.29 -5.36
CA LYS A 85 -18.12 -9.67 -6.77
C LYS A 85 -19.10 -9.03 -7.75
N GLU A 86 -20.38 -8.99 -7.39
CA GLU A 86 -21.42 -8.38 -8.22
C GLU A 86 -21.40 -6.85 -8.21
N LEU A 87 -21.01 -6.26 -7.09
CA LEU A 87 -20.98 -4.81 -6.90
C LEU A 87 -19.72 -4.13 -7.41
N TYR A 88 -18.62 -4.89 -7.52
CA TYR A 88 -17.30 -4.34 -7.86
C TYR A 88 -17.34 -3.67 -9.24
N PRO A 89 -17.00 -2.36 -9.30
CA PRO A 89 -17.10 -1.66 -10.58
C PRO A 89 -15.94 -1.99 -11.52
N GLY A 90 -16.18 -1.82 -12.83
CA GLY A 90 -15.14 -2.04 -13.84
C GLY A 90 -14.09 -0.94 -13.88
N GLN A 91 -14.42 0.19 -13.24
CA GLN A 91 -13.57 1.37 -13.22
C GLN A 91 -13.96 2.19 -12.00
N PHE A 92 -13.00 2.95 -11.47
CA PHE A 92 -13.27 3.87 -10.37
C PHE A 92 -13.19 5.30 -10.88
N LYS A 93 -14.34 5.86 -11.22
CA LYS A 93 -14.43 7.18 -11.81
C LYS A 93 -15.38 8.07 -10.99
N PRO A 94 -14.83 9.09 -10.29
CA PRO A 94 -15.67 9.98 -9.46
C PRO A 94 -16.72 10.74 -10.27
N THR A 95 -17.78 11.16 -9.58
CA THR A 95 -18.92 11.84 -10.20
C THR A 95 -18.74 13.36 -10.20
N ILE A 96 -19.64 14.05 -10.89
CA ILE A 96 -19.75 15.53 -10.82
C ILE A 96 -19.77 16.03 -9.37
N CYS A 97 -20.53 15.33 -8.52
CA CYS A 97 -20.62 15.67 -7.10
C CYS A 97 -19.27 15.58 -6.39
N HIS A 98 -18.50 14.53 -6.65
CA HIS A 98 -17.14 14.41 -6.13
C HIS A 98 -16.27 15.59 -6.58
N TYR A 99 -16.37 15.95 -7.86
CA TYR A 99 -15.58 17.04 -8.40
C TYR A 99 -16.03 18.42 -7.93
N PHE A 100 -17.30 18.54 -7.54
CA PHE A 100 -17.78 19.75 -6.87
C PHE A 100 -17.05 19.95 -5.54
N MET A 101 -16.84 18.86 -4.81
CA MET A 101 -16.08 18.90 -3.56
C MET A 101 -14.61 19.23 -3.80
N ARG A 102 -14.06 18.75 -4.92
CA ARG A 102 -12.73 19.13 -5.36
C ARG A 102 -12.61 20.65 -5.60
N LEU A 103 -13.64 21.23 -6.22
CA LEU A 103 -13.69 22.69 -6.38
C LEU A 103 -13.72 23.42 -5.05
N LEU A 104 -14.51 22.91 -4.11
CA LEU A 104 -14.52 23.47 -2.74
C LEU A 104 -13.13 23.46 -2.12
N LYS A 105 -12.44 22.33 -2.25
CA LYS A 105 -11.05 22.19 -1.80
C LYS A 105 -10.13 23.25 -2.42
N ASP A 106 -10.16 23.35 -3.75
CA ASP A 106 -9.24 24.23 -4.49
C ASP A 106 -9.50 25.71 -4.27
N LYS A 107 -10.73 26.04 -3.89
CA LYS A 107 -11.13 27.42 -3.59
C LYS A 107 -10.97 27.79 -2.11
N GLY A 108 -10.37 26.88 -1.34
CA GLY A 108 -10.11 27.10 0.09
C GLY A 108 -11.34 27.06 0.98
N LEU A 109 -12.41 26.42 0.50
CA LEU A 109 -13.69 26.39 1.20
C LEU A 109 -13.97 25.11 1.97
N LEU A 110 -13.18 24.07 1.71
CA LEU A 110 -13.45 22.77 2.32
C LEU A 110 -12.75 22.55 3.66
N LEU A 111 -13.53 22.59 4.73
CA LEU A 111 -13.03 22.25 6.07
C LEU A 111 -12.81 20.75 6.17
N ARG A 112 -13.79 19.97 5.70
CA ARG A 112 -13.72 18.51 5.76
C ARG A 112 -14.81 17.90 4.93
N CYS A 113 -14.52 16.72 4.37
CA CYS A 113 -15.54 15.85 3.82
C CYS A 113 -15.63 14.60 4.70
N TYR A 114 -16.78 14.43 5.34
CA TYR A 114 -17.13 13.21 6.07
C TYR A 114 -17.91 12.32 5.12
N THR A 115 -17.38 11.14 4.84
CA THR A 115 -18.03 10.21 3.93
C THR A 115 -18.47 8.91 4.59
N GLN A 116 -19.65 8.45 4.20
CA GLN A 116 -20.14 7.11 4.57
C GLN A 116 -19.67 6.05 3.60
N ASN A 117 -19.13 6.47 2.46
CA ASN A 117 -18.78 5.57 1.37
C ASN A 117 -17.40 4.95 1.54
N ILE A 118 -17.24 3.77 0.95
CA ILE A 118 -16.02 2.98 1.06
C ILE A 118 -15.30 2.81 -0.30
N ASP A 119 -15.74 3.60 -1.29
CA ASP A 119 -15.37 3.38 -2.69
C ASP A 119 -14.11 4.12 -3.17
N THR A 120 -13.51 4.92 -2.29
CA THR A 120 -12.27 5.71 -2.57
C THR A 120 -12.44 6.85 -3.59
N LEU A 121 -13.67 7.13 -4.00
CA LEU A 121 -13.88 8.12 -5.07
C LEU A 121 -13.54 9.56 -4.68
N GLU A 122 -13.66 9.89 -3.38
CA GLU A 122 -13.20 11.20 -2.90
C GLU A 122 -11.69 11.36 -3.09
N ARG A 123 -10.93 10.31 -2.76
CA ARG A 123 -9.47 10.30 -2.95
C ARG A 123 -9.14 10.49 -4.43
N ILE A 124 -9.83 9.75 -5.28
CA ILE A 124 -9.55 9.77 -6.73
C ILE A 124 -9.88 11.14 -7.32
N ALA A 125 -10.91 11.80 -6.79
CA ALA A 125 -11.30 13.15 -7.20
C ALA A 125 -10.29 14.21 -6.77
N GLY A 126 -9.34 13.84 -5.90
CA GLY A 126 -8.27 14.73 -5.48
C GLY A 126 -8.42 15.32 -4.08
N LEU A 127 -9.36 14.80 -3.29
CA LEU A 127 -9.37 15.13 -1.88
C LEU A 127 -8.27 14.34 -1.20
N GLU A 128 -7.47 15.06 -0.41
CA GLU A 128 -6.33 14.47 0.26
C GLU A 128 -6.74 13.88 1.60
N GLN A 129 -5.87 13.03 2.16
CA GLN A 129 -6.11 12.36 3.44
C GLN A 129 -6.63 13.33 4.50
N GLU A 130 -5.99 14.49 4.62
CA GLU A 130 -6.36 15.48 5.63
C GLU A 130 -7.74 16.13 5.39
N ASP A 131 -8.19 16.14 4.13
CA ASP A 131 -9.52 16.65 3.78
C ASP A 131 -10.65 15.72 4.20
N LEU A 132 -10.31 14.45 4.46
CA LEU A 132 -11.30 13.39 4.55
C LEU A 132 -11.44 12.79 5.93
N VAL A 133 -12.69 12.50 6.29
CA VAL A 133 -13.00 11.55 7.34
C VAL A 133 -13.75 10.41 6.66
N GLU A 134 -13.04 9.30 6.45
CA GLU A 134 -13.65 8.09 5.91
C GLU A 134 -14.29 7.35 7.09
N ALA A 135 -15.51 7.76 7.40
CA ALA A 135 -16.19 7.37 8.63
C ALA A 135 -16.45 5.88 8.71
N HIS A 136 -16.62 5.24 7.55
CA HIS A 136 -16.90 3.81 7.49
C HIS A 136 -15.75 3.02 6.87
N GLY A 137 -14.55 3.60 6.91
CA GLY A 137 -13.35 2.95 6.42
C GLY A 137 -13.27 2.96 4.91
N THR A 138 -12.60 1.96 4.36
CA THR A 138 -12.29 1.93 2.94
C THR A 138 -12.14 0.51 2.43
N PHE A 139 -12.49 0.30 1.16
CA PHE A 139 -12.22 -0.97 0.51
C PHE A 139 -10.78 -1.06 0.01
N TYR A 140 -10.06 0.06 0.00
CA TYR A 140 -8.75 0.14 -0.65
C TYR A 140 -7.70 -0.79 -0.05
N THR A 141 -7.70 -0.92 1.27
CA THR A 141 -6.75 -1.77 1.98
C THR A 141 -7.51 -2.82 2.78
N SER A 142 -6.83 -3.94 3.03
CA SER A 142 -7.44 -5.06 3.74
C SER A 142 -6.49 -5.58 4.82
N HIS A 143 -7.05 -6.19 5.86
CA HIS A 143 -6.25 -6.79 6.93
C HIS A 143 -6.81 -8.07 7.47
N CYS A 144 -5.91 -8.97 7.82
CA CYS A 144 -6.21 -10.10 8.70
C CYS A 144 -6.90 -9.61 9.98
N VAL A 145 -7.92 -10.35 10.40
CA VAL A 145 -8.73 -9.96 11.57
C VAL A 145 -8.06 -10.24 12.92
N SER A 146 -7.00 -11.07 12.92
CA SER A 146 -6.30 -11.44 14.16
C SER A 146 -5.43 -10.29 14.68
N ALA A 147 -5.71 -9.86 15.92
CA ALA A 147 -5.00 -8.71 16.52
C ALA A 147 -3.49 -8.92 16.66
N SER A 148 -3.09 -10.17 16.86
CA SER A 148 -1.68 -10.55 17.01
C SER A 148 -0.94 -10.72 15.67
N CYS A 149 -1.63 -10.45 14.57
CA CYS A 149 -1.06 -10.61 13.24
C CYS A 149 -1.27 -9.37 12.39
N ARG A 150 -2.52 -9.07 12.06
CA ARG A 150 -2.92 -7.87 11.32
C ARG A 150 -2.20 -7.70 9.98
N HIS A 151 -1.90 -8.82 9.31
CA HIS A 151 -1.22 -8.75 8.01
C HIS A 151 -2.07 -7.94 7.02
N GLU A 152 -1.42 -6.99 6.35
CA GLU A 152 -2.03 -6.12 5.37
C GLU A 152 -2.05 -6.78 3.99
N TYR A 153 -3.13 -6.54 3.25
CA TYR A 153 -3.24 -6.98 1.84
C TYR A 153 -3.80 -5.85 0.98
N PRO A 154 -3.23 -5.67 -0.24
CA PRO A 154 -3.63 -4.59 -1.13
C PRO A 154 -4.89 -4.92 -1.93
N LEU A 155 -5.48 -3.90 -2.55
CA LEU A 155 -6.70 -4.07 -3.34
C LEU A 155 -6.58 -5.15 -4.42
N SER A 156 -5.44 -5.22 -5.13
CA SER A 156 -5.27 -6.25 -6.15
C SER A 156 -5.39 -7.69 -5.62
N TRP A 157 -4.89 -7.91 -4.41
CA TRP A 157 -4.98 -9.21 -3.73
C TRP A 157 -6.43 -9.51 -3.35
N MET A 158 -7.09 -8.51 -2.77
CA MET A 158 -8.50 -8.63 -2.38
C MET A 158 -9.41 -8.84 -3.60
N LYS A 159 -9.20 -8.06 -4.66
CA LYS A 159 -9.97 -8.19 -5.91
C LYS A 159 -9.84 -9.60 -6.48
N GLU A 160 -8.61 -10.12 -6.50
CA GLU A 160 -8.33 -11.48 -7.00
C GLU A 160 -9.11 -12.54 -6.23
N LYS A 161 -9.12 -12.43 -4.90
CA LYS A 161 -9.90 -13.34 -4.06
C LYS A 161 -11.39 -13.23 -4.36
N ILE A 162 -11.87 -12.01 -4.50
CA ILE A 162 -13.29 -11.74 -4.76
C ILE A 162 -13.72 -12.32 -6.11
N PHE A 163 -12.93 -12.07 -7.16
CA PHE A 163 -13.30 -12.53 -8.49
C PHE A 163 -13.12 -14.04 -8.71
N SER A 164 -12.14 -14.64 -8.02
CA SER A 164 -11.93 -16.09 -8.07
C SER A 164 -12.87 -16.87 -7.15
N GLU A 165 -13.64 -16.13 -6.34
CA GLU A 165 -14.60 -16.71 -5.37
C GLU A 165 -13.91 -17.61 -4.31
N VAL A 166 -12.71 -17.21 -3.92
CA VAL A 166 -11.96 -17.84 -2.83
C VAL A 166 -12.03 -16.86 -1.66
N THR A 167 -12.55 -17.31 -0.52
CA THR A 167 -12.65 -16.46 0.66
C THR A 167 -11.25 -15.98 1.08
N PRO A 168 -11.06 -14.65 1.22
CA PRO A 168 -9.77 -14.14 1.69
C PRO A 168 -9.35 -14.73 3.03
N LYS A 169 -8.12 -15.25 3.05
CA LYS A 169 -7.55 -15.91 4.22
C LYS A 169 -6.11 -15.46 4.34
N CYS A 170 -5.69 -15.16 5.57
CA CYS A 170 -4.32 -14.72 5.87
C CYS A 170 -3.30 -15.80 5.55
N GLU A 171 -2.26 -15.42 4.82
CA GLU A 171 -1.23 -16.37 4.41
C GLU A 171 -0.28 -16.74 5.55
N ASP A 172 -0.37 -16.00 6.65
CA ASP A 172 0.43 -16.30 7.84
C ASP A 172 -0.33 -17.12 8.87
N CYS A 173 -1.46 -16.61 9.34
CA CYS A 173 -2.12 -17.19 10.51
C CYS A 173 -3.45 -17.89 10.19
N GLN A 174 -3.82 -17.91 8.91
CA GLN A 174 -5.04 -18.58 8.41
C GLN A 174 -6.36 -17.92 8.81
N SER A 175 -6.31 -16.78 9.49
CA SER A 175 -7.52 -16.05 9.88
C SER A 175 -8.17 -15.36 8.67
N LEU A 176 -9.42 -14.95 8.85
CA LEU A 176 -10.15 -14.20 7.84
C LEU A 176 -9.44 -12.88 7.54
N VAL A 177 -9.41 -12.51 6.26
CA VAL A 177 -8.97 -11.16 5.85
C VAL A 177 -10.18 -10.38 5.38
N LYS A 178 -10.32 -9.16 5.87
CA LYS A 178 -11.44 -8.31 5.48
C LYS A 178 -10.96 -6.98 4.91
N PRO A 179 -11.73 -6.40 3.96
CA PRO A 179 -11.47 -5.01 3.59
C PRO A 179 -11.60 -4.11 4.81
N ASP A 180 -10.90 -2.99 4.80
CA ASP A 180 -10.86 -2.06 5.95
C ASP A 180 -12.12 -1.21 6.09
N ILE A 181 -13.27 -1.83 5.84
CA ILE A 181 -14.55 -1.17 6.01
C ILE A 181 -15.03 -1.37 7.44
N VAL A 182 -15.81 -0.42 7.94
CA VAL A 182 -16.47 -0.56 9.22
C VAL A 182 -17.77 -1.28 8.95
N PHE A 183 -17.86 -2.53 9.43
CA PHE A 183 -19.09 -3.30 9.35
C PHE A 183 -20.04 -2.77 10.43
N PHE A 184 -21.34 -2.97 10.24
CA PHE A 184 -22.30 -2.68 11.30
C PHE A 184 -21.91 -3.48 12.55
N GLY A 185 -21.93 -2.79 13.69
CA GLY A 185 -21.48 -3.39 14.95
C GLY A 185 -20.03 -3.10 15.31
N GLU A 186 -19.26 -2.57 14.36
CA GLU A 186 -17.86 -2.17 14.62
C GLU A 186 -17.76 -0.72 15.04
N SER A 187 -16.68 -0.38 15.72
CA SER A 187 -16.36 0.99 16.07
C SER A 187 -15.85 1.78 14.87
N LEU A 188 -16.20 3.06 14.84
CA LEU A 188 -15.71 3.98 13.83
C LEU A 188 -14.27 4.37 14.18
N PRO A 189 -13.47 4.82 13.18
CA PRO A 189 -12.08 5.21 13.49
C PRO A 189 -12.02 6.37 14.47
N ALA A 190 -10.95 6.40 15.29
CA ALA A 190 -10.73 7.51 16.23
C ALA A 190 -10.77 8.87 15.54
N ARG A 191 -10.29 8.92 14.30
CA ARG A 191 -10.28 10.15 13.50
C ARG A 191 -11.67 10.78 13.36
N PHE A 192 -12.71 9.94 13.26
CA PHE A 192 -14.09 10.42 13.17
C PHE A 192 -14.43 11.30 14.37
N PHE A 193 -14.12 10.81 15.57
CA PHE A 193 -14.46 11.52 16.79
C PHE A 193 -13.54 12.69 17.05
N SER A 194 -12.24 12.51 16.78
CA SER A 194 -11.26 13.60 16.87
C SER A 194 -11.64 14.79 15.99
N CYS A 195 -11.91 14.53 14.70
CA CYS A 195 -12.28 15.62 13.79
C CYS A 195 -13.62 16.26 14.13
N MET A 196 -14.60 15.43 14.54
CA MET A 196 -15.92 15.91 14.93
C MET A 196 -15.83 16.96 16.05
N GLN A 197 -14.96 16.68 17.02
CA GLN A 197 -14.77 17.54 18.20
C GLN A 197 -14.23 18.92 17.87
N SER A 198 -13.57 19.06 16.71
CA SER A 198 -13.00 20.33 16.27
C SER A 198 -13.82 20.99 15.18
N ASP A 199 -14.17 20.21 14.14
CA ASP A 199 -14.74 20.78 12.91
C ASP A 199 -16.08 21.47 13.12
N PHE A 200 -16.91 20.90 13.99
CA PHE A 200 -18.28 21.37 14.16
C PHE A 200 -18.40 22.52 15.16
N LEU A 201 -17.27 22.95 15.72
CA LEU A 201 -17.23 24.12 16.61
C LEU A 201 -17.29 25.42 15.82
N LYS A 202 -16.72 25.39 14.61
CA LYS A 202 -16.67 26.56 13.76
C LYS A 202 -16.74 26.12 12.31
N VAL A 203 -17.97 26.13 11.80
CA VAL A 203 -18.28 25.77 10.41
C VAL A 203 -19.38 26.72 9.93
N ASP A 204 -19.23 27.19 8.70
CA ASP A 204 -20.15 28.16 8.11
C ASP A 204 -21.30 27.55 7.31
N LEU A 205 -21.10 26.34 6.78
CA LEU A 205 -22.12 25.66 5.98
C LEU A 205 -21.96 24.15 6.04
N LEU A 206 -23.07 23.45 6.21
CA LEU A 206 -23.11 22.00 5.99
C LEU A 206 -23.74 21.70 4.64
N LEU A 207 -23.02 20.92 3.84
CA LEU A 207 -23.52 20.44 2.56
C LEU A 207 -23.72 18.93 2.69
N VAL A 208 -24.98 18.51 2.75
CA VAL A 208 -25.36 17.12 3.04
C VAL A 208 -25.85 16.52 1.72
N MET A 209 -25.09 15.57 1.17
CA MET A 209 -25.37 15.09 -0.18
C MET A 209 -25.43 13.58 -0.28
N GLY A 210 -26.49 13.08 -0.90
CA GLY A 210 -26.59 11.66 -1.20
C GLY A 210 -26.75 10.75 -0.01
N THR A 211 -27.30 11.27 1.08
CA THR A 211 -27.59 10.48 2.27
C THR A 211 -28.91 10.85 2.93
N SER A 212 -29.64 9.82 3.38
CA SER A 212 -30.89 10.00 4.10
C SER A 212 -30.68 9.99 5.62
N LEU A 213 -29.40 9.98 6.02
CA LEU A 213 -28.96 10.07 7.43
C LEU A 213 -29.63 9.03 8.34
N GLN A 214 -29.52 7.77 7.93
CA GLN A 214 -30.14 6.64 8.62
C GLN A 214 -29.13 5.77 9.37
N VAL A 215 -27.84 6.05 9.19
CA VAL A 215 -26.78 5.28 9.83
C VAL A 215 -26.14 6.08 10.95
N GLN A 216 -26.10 5.50 12.14
CA GLN A 216 -25.49 6.13 13.33
C GLN A 216 -24.09 5.55 13.59
N PRO A 217 -23.16 6.31 14.20
CA PRO A 217 -23.36 7.69 14.66
C PRO A 217 -23.16 8.79 13.61
N PHE A 218 -22.94 8.41 12.35
CA PHE A 218 -22.75 9.41 11.28
C PHE A 218 -23.90 10.42 11.22
N ALA A 219 -25.13 9.92 11.30
CA ALA A 219 -26.34 10.75 11.20
C ALA A 219 -26.40 11.87 12.25
N SER A 220 -25.79 11.65 13.40
CA SER A 220 -25.74 12.62 14.50
C SER A 220 -24.89 13.87 14.22
N LEU A 221 -24.07 13.81 13.16
CA LEU A 221 -23.16 14.93 12.82
C LEU A 221 -23.85 16.25 12.50
N ILE A 222 -25.03 16.18 11.86
CA ILE A 222 -25.83 17.38 11.51
C ILE A 222 -26.18 18.25 12.73
N SER A 223 -26.40 17.59 13.87
CA SER A 223 -26.77 18.27 15.12
C SER A 223 -25.59 18.94 15.85
N LYS A 224 -24.37 18.59 15.44
CA LYS A 224 -23.15 19.05 16.11
C LYS A 224 -22.72 20.47 15.72
N ALA A 225 -23.20 20.94 14.56
CA ALA A 225 -22.91 22.29 14.07
C ALA A 225 -23.59 23.34 14.95
N PRO A 226 -23.06 24.59 14.99
CA PRO A 226 -23.78 25.66 15.70
C PRO A 226 -25.17 25.87 15.10
N LEU A 227 -26.10 26.33 15.93
CA LEU A 227 -27.51 26.48 15.55
C LEU A 227 -27.75 27.43 14.39
N SER A 228 -26.83 28.38 14.21
CA SER A 228 -26.87 29.35 13.13
C SER A 228 -26.33 28.84 11.78
N THR A 229 -25.61 27.71 11.79
CA THR A 229 -24.96 27.20 10.56
C THR A 229 -26.01 26.68 9.56
N PRO A 230 -26.08 27.31 8.36
CA PRO A 230 -27.04 26.81 7.36
C PRO A 230 -26.68 25.43 6.86
N ARG A 231 -27.70 24.68 6.45
CA ARG A 231 -27.53 23.29 6.03
C ARG A 231 -28.32 23.04 4.75
N LEU A 232 -27.60 22.66 3.69
CA LEU A 232 -28.23 22.32 2.42
C LEU A 232 -28.20 20.82 2.21
N LEU A 233 -29.38 20.25 1.94
CA LEU A 233 -29.51 18.85 1.55
C LEU A 233 -29.70 18.73 0.05
N ILE A 234 -28.83 17.94 -0.58
CA ILE A 234 -28.99 17.54 -1.99
C ILE A 234 -29.15 16.01 -2.00
N ASN A 235 -30.37 15.56 -2.26
CA ASN A 235 -30.73 14.15 -2.13
C ASN A 235 -32.02 13.85 -2.87
N LYS A 236 -32.21 12.60 -3.29
CA LYS A 236 -33.45 12.18 -3.98
C LYS A 236 -34.70 12.30 -3.09
N GLU A 237 -34.49 12.21 -1.77
CA GLU A 237 -35.57 12.29 -0.76
C GLU A 237 -35.15 13.17 0.42
N LYS A 238 -36.12 13.64 1.20
CA LYS A 238 -35.85 14.37 2.44
C LYS A 238 -35.32 13.43 3.54
N ALA A 239 -34.61 14.01 4.50
CA ALA A 239 -33.94 13.27 5.58
C ALA A 239 -34.90 12.52 6.50
N GLY A 243 -32.48 15.89 12.62
CA GLY A 243 -33.34 16.98 13.08
C GLY A 243 -33.27 18.19 12.16
N MET A 244 -33.82 18.04 10.97
CA MET A 244 -33.82 19.10 9.95
C MET A 244 -35.23 19.66 9.76
N ASP A 245 -35.30 20.98 9.55
CA ASP A 245 -36.58 21.66 9.39
C ASP A 245 -36.60 22.54 8.14
N PHE A 246 -37.24 22.02 7.10
CA PHE A 246 -37.34 22.72 5.81
C PHE A 246 -38.63 23.53 5.65
N ASP A 247 -39.73 23.02 6.20
CA ASP A 247 -41.09 23.44 5.79
C ASP A 247 -41.98 24.11 6.84
N SER A 248 -41.70 23.87 8.13
CA SER A 248 -42.53 24.43 9.21
C SER A 248 -42.36 25.94 9.31
N LYS A 249 -43.25 26.60 10.05
CA LYS A 249 -43.18 28.06 10.29
C LYS A 249 -41.91 28.50 11.03
N LYS A 250 -41.27 27.54 11.71
CA LYS A 250 -40.05 27.78 12.48
C LYS A 250 -38.75 27.56 11.69
N ALA A 251 -38.89 27.13 10.43
CA ALA A 251 -37.75 26.91 9.53
C ALA A 251 -36.96 28.20 9.32
N TYR A 252 -35.63 28.12 9.45
CA TYR A 252 -34.79 29.31 9.46
C TYR A 252 -33.42 29.15 8.79
N ARG A 253 -33.01 27.91 8.52
CA ARG A 253 -31.63 27.65 8.06
C ARG A 253 -31.41 26.43 7.15
N ASP A 254 -32.43 25.58 7.03
CA ASP A 254 -32.31 24.33 6.26
C ASP A 254 -32.99 24.43 4.91
N VAL A 255 -32.28 23.98 3.87
CA VAL A 255 -32.76 24.01 2.49
C VAL A 255 -32.62 22.61 1.89
N ALA A 256 -33.69 22.12 1.25
CA ALA A 256 -33.66 20.86 0.52
C ALA A 256 -33.75 21.08 -0.99
N TRP A 257 -32.86 20.42 -1.73
CA TRP A 257 -32.92 20.35 -3.18
C TRP A 257 -33.09 18.90 -3.54
N LEU A 258 -34.23 18.56 -4.13
CA LEU A 258 -34.59 17.17 -4.37
C LEU A 258 -34.33 16.71 -5.80
N GLY A 259 -33.46 15.71 -5.90
CA GLY A 259 -33.07 15.10 -7.17
C GLY A 259 -31.74 14.40 -7.02
N GLU A 260 -31.13 14.07 -8.15
CA GLU A 260 -29.83 13.39 -8.16
C GLU A 260 -28.72 14.36 -7.78
N CYS A 261 -27.69 13.84 -7.11
CA CYS A 261 -26.59 14.66 -6.60
C CYS A 261 -25.82 15.41 -7.67
N ASP A 262 -25.61 14.78 -8.83
CA ASP A 262 -24.90 15.41 -9.93
C ASP A 262 -25.63 16.64 -10.43
N GLN A 263 -26.95 16.51 -10.58
CA GLN A 263 -27.78 17.61 -11.08
C GLN A 263 -27.91 18.74 -10.06
N GLY A 264 -27.95 18.39 -8.77
CA GLY A 264 -27.94 19.37 -7.67
C GLY A 264 -26.66 20.18 -7.63
N CYS A 265 -25.53 19.50 -7.77
CA CYS A 265 -24.23 20.16 -7.81
C CYS A 265 -24.04 21.02 -9.07
N LEU A 266 -24.58 20.58 -10.20
CA LEU A 266 -24.58 21.40 -11.41
C LEU A 266 -25.41 22.67 -11.25
N ALA A 267 -26.58 22.55 -10.63
CA ALA A 267 -27.48 23.69 -10.38
C ALA A 267 -26.82 24.70 -9.44
N LEU A 268 -26.20 24.20 -8.38
CA LEU A 268 -25.49 25.06 -7.43
C LEU A 268 -24.26 25.73 -8.06
N ALA A 269 -23.47 24.95 -8.80
CA ALA A 269 -22.30 25.48 -9.52
C ALA A 269 -22.67 26.61 -10.48
N GLU A 270 -23.78 26.45 -11.21
CA GLU A 270 -24.24 27.48 -12.14
C GLU A 270 -24.57 28.80 -11.42
N LEU A 271 -25.27 28.70 -10.29
CA LEU A 271 -25.59 29.86 -9.45
C LEU A 271 -24.35 30.57 -8.92
N LEU A 272 -23.30 29.79 -8.64
CA LEU A 272 -22.03 30.31 -8.13
C LEU A 272 -21.10 30.84 -9.22
N GLY A 273 -21.44 30.59 -10.48
CA GLY A 273 -20.60 30.96 -11.62
C GLY A 273 -19.47 29.98 -11.89
N TRP A 274 -19.64 28.75 -11.40
CA TRP A 274 -18.61 27.71 -11.53
C TRP A 274 -18.92 26.62 -12.56
N LYS A 275 -20.03 26.75 -13.29
CA LYS A 275 -20.50 25.67 -14.18
C LYS A 275 -19.44 25.24 -15.19
N LYS A 276 -18.83 26.20 -15.87
CA LYS A 276 -17.77 25.93 -16.85
C LYS A 276 -16.54 25.27 -16.20
N GLU A 277 -16.10 25.83 -15.07
CA GLU A 277 -14.96 25.31 -14.33
C GLU A 277 -15.18 23.85 -13.89
N LEU A 278 -16.38 23.56 -13.39
CA LEU A 278 -16.73 22.21 -12.98
C LEU A 278 -16.77 21.22 -14.14
N GLU A 279 -17.42 21.61 -15.24
CA GLU A 279 -17.51 20.74 -16.42
C GLU A 279 -16.15 20.43 -17.03
N ASP A 280 -15.27 21.44 -17.09
CA ASP A 280 -13.89 21.26 -17.56
C ASP A 280 -13.11 20.30 -16.65
N LEU A 281 -13.26 20.48 -15.34
CA LEU A 281 -12.60 19.63 -14.35
C LEU A 281 -13.03 18.17 -14.50
N VAL A 282 -14.33 17.94 -14.55
CA VAL A 282 -14.87 16.58 -14.71
C VAL A 282 -14.32 15.94 -15.99
N ARG A 283 -14.39 16.68 -17.11
CA ARG A 283 -13.97 16.15 -18.39
C ARG A 283 -12.47 15.86 -18.50
N ARG A 284 -11.61 16.76 -18.00
CA ARG A 284 -10.18 16.46 -18.02
C ARG A 284 -9.80 15.31 -17.07
N GLU A 285 -10.45 15.25 -15.91
CA GLU A 285 -10.17 14.17 -14.95
C GLU A 285 -10.69 12.81 -15.43
N HIS A 286 -11.88 12.78 -16.01
CA HIS A 286 -12.42 11.57 -16.62
C HIS A 286 -11.55 11.08 -17.77
N ALA A 287 -11.09 12.02 -18.61
CA ALA A 287 -10.18 11.70 -19.71
C ALA A 287 -8.89 11.06 -19.22
N SER A 288 -8.33 11.62 -18.14
CA SER A 288 -7.14 11.08 -17.48
C SER A 288 -7.35 9.65 -16.99
N ILE A 289 -8.48 9.41 -16.32
CA ILE A 289 -8.85 8.08 -15.81
C ILE A 289 -9.08 7.07 -16.96
N ASP A 290 -9.76 7.52 -18.02
CA ASP A 290 -10.02 6.68 -19.19
C ASP A 290 -8.75 6.33 -19.98
N ALA A 291 -7.75 7.20 -19.90
CA ALA A 291 -6.45 7.01 -20.58
C ALA A 291 -5.53 6.00 -19.88
N GLN A 292 -5.87 5.61 -18.65
CA GLN A 292 -5.09 4.66 -17.85
C GLN A 292 -5.12 3.25 -18.44
N LYS B 4 13.37 6.00 -25.96
CA LYS B 4 13.59 6.48 -24.56
C LYS B 4 12.50 7.46 -24.12
N GLU B 5 11.40 6.90 -23.60
CA GLU B 5 10.30 7.67 -23.04
C GLU B 5 10.70 8.24 -21.68
N ARG B 6 10.37 9.50 -21.43
CA ARG B 6 10.72 10.18 -20.18
C ARG B 6 9.58 10.00 -19.17
N LEU B 7 9.87 9.30 -18.07
CA LEU B 7 8.83 8.96 -17.08
C LEU B 7 8.95 9.71 -15.76
N LEU B 8 10.16 10.11 -15.37
CA LEU B 8 10.35 10.93 -14.18
C LEU B 8 10.26 12.41 -14.53
N ASP B 9 9.52 13.18 -13.72
CA ASP B 9 9.45 14.63 -13.90
C ASP B 9 10.71 15.36 -13.44
N GLU B 10 11.49 14.69 -12.59
CA GLU B 10 12.68 15.21 -11.93
C GLU B 10 13.57 14.05 -11.55
N LEU B 11 14.88 14.21 -11.77
CA LEU B 11 15.84 13.18 -11.38
C LEU B 11 16.25 13.32 -9.91
N THR B 12 15.24 13.16 -9.03
CA THR B 12 15.38 13.33 -7.59
C THR B 12 14.58 12.25 -6.87
N LEU B 13 14.85 12.05 -5.58
CA LEU B 13 14.02 11.16 -4.75
C LEU B 13 12.55 11.56 -4.75
N GLU B 14 12.28 12.87 -4.72
CA GLU B 14 10.91 13.39 -4.79
C GLU B 14 10.26 13.07 -6.14
N GLY B 15 11.03 13.12 -7.21
CA GLY B 15 10.58 12.72 -8.55
C GLY B 15 10.20 11.25 -8.60
N VAL B 16 11.04 10.42 -7.98
CA VAL B 16 10.78 8.97 -7.91
C VAL B 16 9.51 8.69 -7.10
N ALA B 17 9.37 9.38 -5.96
CA ALA B 17 8.18 9.22 -5.10
C ALA B 17 6.88 9.58 -5.82
N ARG B 18 6.88 10.72 -6.53
CA ARG B 18 5.72 11.14 -7.33
C ARG B 18 5.38 10.12 -8.40
N TYR B 19 6.41 9.56 -9.05
CA TYR B 19 6.22 8.50 -10.04
C TYR B 19 5.59 7.25 -9.42
N MET B 20 6.09 6.84 -8.26
CA MET B 20 5.57 5.67 -7.54
C MET B 20 4.09 5.84 -7.17
N GLN B 21 3.71 7.06 -6.83
CA GLN B 21 2.32 7.38 -6.48
C GLN B 21 1.36 7.41 -7.68
N SER B 22 1.92 7.64 -8.87
CA SER B 22 1.14 7.70 -10.10
C SER B 22 0.68 6.30 -10.53
N GLU B 23 -0.43 6.26 -11.27
CA GLU B 23 -0.98 5.00 -11.77
C GLU B 23 -0.06 4.22 -12.74
N ARG B 24 0.85 4.95 -13.39
CA ARG B 24 1.86 4.37 -14.30
C ARG B 24 2.80 3.37 -13.62
N CYS B 25 3.10 3.61 -12.34
CA CYS B 25 4.03 2.77 -11.60
C CYS B 25 3.29 1.68 -10.83
N ARG B 26 3.22 0.50 -11.44
CA ARG B 26 2.47 -0.64 -10.86
C ARG B 26 3.36 -1.76 -10.35
N ARG B 27 4.53 -1.93 -10.97
CA ARG B 27 5.40 -3.08 -10.75
C ARG B 27 6.84 -2.64 -10.48
N VAL B 28 7.32 -2.94 -9.27
CA VAL B 28 8.66 -2.55 -8.82
C VAL B 28 9.49 -3.81 -8.62
N ILE B 29 10.71 -3.80 -9.18
CA ILE B 29 11.70 -4.83 -8.87
C ILE B 29 12.77 -4.24 -7.96
N CYS B 30 13.04 -4.92 -6.85
CA CYS B 30 14.16 -4.57 -5.97
C CYS B 30 15.35 -5.45 -6.27
N LEU B 31 16.52 -4.84 -6.27
CA LEU B 31 17.78 -5.57 -6.46
C LEU B 31 18.65 -5.16 -5.30
N VAL B 32 19.01 -6.13 -4.48
CA VAL B 32 19.66 -5.83 -3.20
C VAL B 32 20.95 -6.61 -2.95
N GLY B 33 21.86 -6.00 -2.19
CA GLY B 33 23.11 -6.64 -1.78
C GLY B 33 23.45 -6.44 -0.32
N ALA B 34 24.73 -6.63 0.01
CA ALA B 34 25.19 -6.69 1.40
C ALA B 34 24.87 -5.46 2.24
N GLY B 35 24.77 -4.30 1.58
CA GLY B 35 24.50 -3.03 2.25
C GLY B 35 23.16 -2.94 2.96
N ILE B 36 22.22 -3.83 2.60
CA ILE B 36 20.91 -3.82 3.26
C ILE B 36 20.88 -4.63 4.55
N SER B 37 21.98 -5.34 4.84
CA SER B 37 22.03 -6.20 6.02
C SER B 37 23.07 -5.81 7.07
N THR B 38 23.89 -4.81 6.78
CA THR B 38 24.90 -4.33 7.74
C THR B 38 24.29 -3.85 9.07
N SER B 39 23.14 -3.17 9.01
CA SER B 39 22.46 -2.72 10.24
C SER B 39 21.69 -3.84 10.97
N ALA B 40 21.68 -5.04 10.37
CA ALA B 40 21.19 -6.26 11.02
C ALA B 40 22.34 -7.05 11.65
N GLY B 41 23.49 -6.37 11.79
CA GLY B 41 24.68 -6.96 12.40
C GLY B 41 25.41 -8.00 11.56
N ILE B 42 25.18 -7.97 10.24
CA ILE B 42 25.89 -8.86 9.32
C ILE B 42 26.79 -8.00 8.41
N PRO B 43 28.12 -8.04 8.66
CA PRO B 43 29.08 -7.22 7.89
C PRO B 43 29.17 -7.61 6.41
N ASP B 44 29.52 -6.64 5.57
CA ASP B 44 29.77 -6.85 4.15
C ASP B 44 30.99 -7.76 3.97
N PHE B 45 30.74 -8.96 3.47
CA PHE B 45 31.76 -10.01 3.30
C PHE B 45 32.86 -9.67 2.28
N ARG B 46 32.54 -8.73 1.36
CA ARG B 46 33.49 -8.29 0.34
C ARG B 46 34.32 -7.10 0.81
N LEU B 61 46.63 -19.65 2.31
CA LEU B 61 45.67 -19.01 1.44
C LEU B 61 46.40 -18.24 0.33
N PRO B 62 46.21 -18.66 -0.95
CA PRO B 62 46.90 -18.03 -2.09
C PRO B 62 46.52 -16.57 -2.33
N TYR B 63 45.23 -16.26 -2.23
CA TYR B 63 44.70 -14.89 -2.39
C TYR B 63 43.40 -14.73 -1.59
N PRO B 64 43.08 -13.50 -1.12
CA PRO B 64 41.89 -13.27 -0.27
C PRO B 64 40.56 -13.76 -0.83
N GLU B 65 40.38 -13.70 -2.15
CA GLU B 65 39.12 -14.06 -2.81
C GLU B 65 38.85 -15.57 -2.90
N ALA B 66 39.91 -16.37 -2.72
CA ALA B 66 39.83 -17.85 -2.82
C ALA B 66 38.88 -18.51 -1.83
N ILE B 67 38.71 -17.88 -0.67
CA ILE B 67 37.79 -18.32 0.39
C ILE B 67 36.33 -18.52 -0.09
N PHE B 68 35.92 -17.71 -1.07
CA PHE B 68 34.55 -17.75 -1.62
C PHE B 68 34.45 -18.47 -2.96
N GLU B 69 35.55 -19.11 -3.38
CA GLU B 69 35.59 -19.85 -4.65
C GLU B 69 35.39 -21.35 -4.41
N ILE B 70 34.56 -21.97 -5.26
CA ILE B 70 34.11 -23.36 -5.07
C ILE B 70 35.25 -24.40 -5.11
N SER B 71 36.13 -24.31 -6.10
CA SER B 71 37.24 -25.26 -6.27
C SER B 71 38.17 -25.27 -5.05
N TYR B 72 38.49 -24.06 -4.54
CA TYR B 72 39.29 -23.94 -3.32
C TYR B 72 38.53 -24.42 -2.08
N PHE B 73 37.24 -24.10 -1.99
CA PHE B 73 36.40 -24.51 -0.87
C PHE B 73 36.31 -26.03 -0.72
N LYS B 74 36.11 -26.72 -1.84
CA LYS B 74 35.98 -28.18 -1.86
C LYS B 74 37.23 -28.89 -1.33
N LYS B 75 38.40 -28.31 -1.62
CA LYS B 75 39.69 -28.85 -1.18
C LYS B 75 40.05 -28.39 0.24
N HIS B 76 39.82 -27.11 0.53
CA HIS B 76 40.10 -26.53 1.85
C HIS B 76 38.89 -25.72 2.40
N PRO B 77 37.92 -26.40 3.04
CA PRO B 77 36.72 -25.72 3.53
C PRO B 77 36.87 -24.96 4.85
N GLU B 78 37.94 -25.26 5.59
CA GLU B 78 38.17 -24.70 6.93
C GLU B 78 38.20 -23.16 7.02
N PRO B 79 38.89 -22.46 6.08
CA PRO B 79 38.85 -20.99 6.14
C PRO B 79 37.44 -20.40 6.04
N PHE B 80 36.63 -20.94 5.13
CA PHE B 80 35.23 -20.50 4.95
C PHE B 80 34.42 -20.60 6.24
N PHE B 81 34.50 -21.76 6.90
CA PHE B 81 33.72 -22.01 8.11
C PHE B 81 34.24 -21.26 9.34
N ALA B 82 35.53 -20.96 9.36
CA ALA B 82 36.12 -20.09 10.39
C ALA B 82 35.65 -18.64 10.25
N LEU B 83 35.56 -18.17 9.00
CA LEU B 83 35.02 -16.85 8.67
C LEU B 83 33.52 -16.79 8.98
N ALA B 84 32.82 -17.87 8.67
CA ALA B 84 31.38 -18.00 8.96
C ALA B 84 31.06 -17.85 10.45
N LYS B 85 31.96 -18.34 11.31
CA LYS B 85 31.82 -18.20 12.77
C LYS B 85 31.83 -16.75 13.23
N GLU B 86 32.68 -15.93 12.58
CA GLU B 86 32.80 -14.51 12.91
C GLU B 86 31.70 -13.63 12.29
N LEU B 87 31.06 -14.13 11.24
CA LEU B 87 30.00 -13.37 10.53
C LEU B 87 28.57 -13.72 10.96
N TYR B 88 28.40 -14.91 11.55
CA TYR B 88 27.09 -15.44 11.95
C TYR B 88 26.50 -14.64 13.14
N PRO B 89 25.34 -13.98 12.93
CA PRO B 89 24.76 -13.14 13.99
C PRO B 89 24.08 -13.93 15.11
N GLY B 90 23.90 -13.29 16.26
CA GLY B 90 23.21 -13.90 17.40
C GLY B 90 21.71 -14.02 17.21
N GLN B 91 21.17 -13.24 16.28
CA GLN B 91 19.75 -13.22 15.97
C GLN B 91 19.61 -12.81 14.50
N PHE B 92 18.50 -13.20 13.88
CA PHE B 92 18.19 -12.80 12.52
C PHE B 92 16.99 -11.87 12.55
N LYS B 93 17.27 -10.58 12.53
CA LYS B 93 16.25 -9.55 12.59
C LYS B 93 16.44 -8.61 11.40
N PRO B 94 15.47 -8.60 10.46
CA PRO B 94 15.58 -7.79 9.25
C PRO B 94 15.59 -6.29 9.55
N THR B 95 16.18 -5.53 8.64
CA THR B 95 16.34 -4.09 8.77
C THR B 95 15.09 -3.34 8.28
N ILE B 96 15.09 -2.03 8.55
CA ILE B 96 14.09 -1.12 7.98
C ILE B 96 13.98 -1.33 6.46
N CYS B 97 15.13 -1.46 5.80
CA CYS B 97 15.19 -1.67 4.36
C CYS B 97 14.46 -2.95 3.93
N HIS B 98 14.71 -4.05 4.62
CA HIS B 98 13.96 -5.30 4.40
C HIS B 98 12.45 -5.09 4.56
N TYR B 99 12.07 -4.35 5.61
CA TYR B 99 10.66 -4.09 5.87
C TYR B 99 10.03 -3.13 4.88
N PHE B 100 10.85 -2.27 4.26
CA PHE B 100 10.35 -1.41 3.20
C PHE B 100 9.92 -2.26 1.99
N MET B 101 10.68 -3.30 1.69
CA MET B 101 10.32 -4.23 0.62
C MET B 101 9.06 -5.01 0.97
N ARG B 102 8.93 -5.38 2.25
CA ARG B 102 7.71 -5.99 2.77
C ARG B 102 6.53 -5.04 2.62
N LEU B 103 6.75 -3.76 2.91
CA LEU B 103 5.71 -2.76 2.72
C LEU B 103 5.31 -2.64 1.24
N LEU B 104 6.29 -2.64 0.34
CA LEU B 104 6.03 -2.64 -1.09
C LEU B 104 5.16 -3.84 -1.50
N LYS B 105 5.45 -5.01 -0.93
CA LYS B 105 4.63 -6.21 -1.15
C LYS B 105 3.19 -5.98 -0.70
N ASP B 106 3.05 -5.47 0.53
CA ASP B 106 1.73 -5.26 1.14
C ASP B 106 0.94 -4.13 0.47
N LYS B 107 1.64 -3.24 -0.22
CA LYS B 107 1.01 -2.15 -1.01
C LYS B 107 0.75 -2.54 -2.47
N GLY B 108 1.09 -3.78 -2.83
CA GLY B 108 0.82 -4.30 -4.17
C GLY B 108 1.79 -3.83 -5.24
N LEU B 109 2.94 -3.30 -4.83
CA LEU B 109 3.92 -2.76 -5.77
C LEU B 109 5.07 -3.71 -6.10
N LEU B 110 5.28 -4.74 -5.28
CA LEU B 110 6.46 -5.60 -5.45
C LEU B 110 6.25 -6.70 -6.47
N LEU B 111 6.92 -6.60 -7.61
CA LEU B 111 6.97 -7.70 -8.57
C LEU B 111 7.95 -8.78 -8.10
N ARG B 112 9.15 -8.35 -7.70
CA ARG B 112 10.17 -9.31 -7.28
C ARG B 112 11.28 -8.60 -6.51
N CYS B 113 11.86 -9.32 -5.55
CA CYS B 113 13.13 -8.94 -4.95
C CYS B 113 14.18 -9.94 -5.42
N TYR B 114 15.18 -9.44 -6.16
CA TYR B 114 16.39 -10.21 -6.49
C TYR B 114 17.43 -9.86 -5.46
N THR B 115 17.89 -10.86 -4.72
CA THR B 115 18.88 -10.64 -3.68
C THR B 115 20.20 -11.36 -3.93
N GLN B 116 21.30 -10.67 -3.60
CA GLN B 116 22.64 -11.25 -3.62
C GLN B 116 22.97 -11.88 -2.28
N ASN B 117 22.17 -11.56 -1.26
CA ASN B 117 22.45 -11.99 0.11
C ASN B 117 22.01 -13.41 0.39
N ILE B 118 22.68 -14.04 1.35
CA ILE B 118 22.41 -15.43 1.71
C ILE B 118 21.87 -15.57 3.14
N ASP B 119 21.54 -14.44 3.75
CA ASP B 119 21.26 -14.35 5.19
C ASP B 119 19.83 -14.65 5.63
N THR B 120 18.96 -14.92 4.65
CA THR B 120 17.52 -15.26 4.85
C THR B 120 16.61 -14.11 5.34
N LEU B 121 17.16 -12.90 5.45
CA LEU B 121 16.41 -11.80 6.08
C LEU B 121 15.21 -11.33 5.27
N GLU B 122 15.25 -11.50 3.94
CA GLU B 122 14.08 -11.22 3.11
C GLU B 122 12.90 -12.12 3.48
N ARG B 123 13.19 -13.43 3.63
CA ARG B 123 12.18 -14.40 4.06
C ARG B 123 11.61 -14.03 5.43
N ILE B 124 12.50 -13.69 6.37
CA ILE B 124 12.10 -13.37 7.74
C ILE B 124 11.23 -12.11 7.78
N ALA B 125 11.56 -11.13 6.93
CA ALA B 125 10.77 -9.90 6.76
C ALA B 125 9.36 -10.13 6.20
N GLY B 126 9.12 -11.30 5.62
CA GLY B 126 7.81 -11.67 5.12
C GLY B 126 7.67 -11.65 3.61
N LEU B 127 8.79 -11.65 2.89
CA LEU B 127 8.75 -11.90 1.45
C LEU B 127 8.67 -13.40 1.25
N GLU B 128 7.65 -13.83 0.51
CA GLU B 128 7.42 -15.25 0.27
C GLU B 128 8.28 -15.75 -0.88
N GLN B 129 8.35 -17.08 -1.03
CA GLN B 129 9.24 -17.67 -2.03
C GLN B 129 8.97 -17.13 -3.44
N GLU B 130 7.69 -16.94 -3.74
CA GLU B 130 7.24 -16.39 -5.03
C GLU B 130 7.71 -14.97 -5.28
N ASP B 131 7.90 -14.19 -4.20
CA ASP B 131 8.37 -12.81 -4.28
C ASP B 131 9.87 -12.68 -4.48
N LEU B 132 10.59 -13.78 -4.32
CA LEU B 132 12.04 -13.75 -4.19
C LEU B 132 12.79 -14.48 -5.28
N VAL B 133 13.90 -13.89 -5.69
CA VAL B 133 14.94 -14.62 -6.41
C VAL B 133 16.19 -14.52 -5.55
N GLU B 134 16.50 -15.63 -4.88
CA GLU B 134 17.72 -15.74 -4.10
C GLU B 134 18.84 -16.12 -5.07
N ALA B 135 19.41 -15.10 -5.69
CA ALA B 135 20.35 -15.25 -6.80
C ALA B 135 21.60 -16.05 -6.42
N HIS B 136 22.01 -15.94 -5.16
CA HIS B 136 23.23 -16.57 -4.68
C HIS B 136 22.94 -17.67 -3.66
N GLY B 137 21.72 -18.18 -3.70
CA GLY B 137 21.29 -19.25 -2.80
C GLY B 137 21.01 -18.77 -1.40
N THR B 138 21.19 -19.67 -0.44
CA THR B 138 20.81 -19.41 0.95
C THR B 138 21.62 -20.23 1.94
N PHE B 139 21.76 -19.67 3.15
CA PHE B 139 22.33 -20.40 4.26
C PHE B 139 21.26 -21.20 5.01
N TYR B 140 19.99 -21.03 4.64
CA TYR B 140 18.88 -21.67 5.39
C TYR B 140 18.94 -23.20 5.37
N THR B 141 19.30 -23.74 4.22
CA THR B 141 19.46 -25.18 4.06
C THR B 141 20.88 -25.49 3.62
N SER B 142 21.31 -26.71 3.94
CA SER B 142 22.63 -27.20 3.58
C SER B 142 22.52 -28.61 3.01
N HIS B 143 23.48 -29.00 2.16
CA HIS B 143 23.49 -30.33 1.57
C HIS B 143 24.85 -30.99 1.58
N CYS B 144 24.84 -32.30 1.82
CA CYS B 144 25.98 -33.16 1.56
C CYS B 144 26.40 -33.02 0.09
N VAL B 145 27.70 -32.88 -0.14
CA VAL B 145 28.23 -32.63 -1.50
C VAL B 145 28.21 -33.87 -2.42
N SER B 146 28.07 -35.06 -1.82
CA SER B 146 28.04 -36.32 -2.58
C SER B 146 26.76 -36.47 -3.39
N ALA B 147 26.94 -36.69 -4.69
CA ALA B 147 25.83 -36.85 -5.65
C ALA B 147 24.92 -38.05 -5.37
N SER B 148 25.48 -39.11 -4.76
CA SER B 148 24.72 -40.33 -4.45
C SER B 148 24.05 -40.32 -3.07
N CYS B 149 24.16 -39.19 -2.35
CA CYS B 149 23.61 -39.08 -1.00
C CYS B 149 22.71 -37.85 -0.87
N ARG B 150 23.30 -36.67 -1.01
CA ARG B 150 22.58 -35.36 -1.01
C ARG B 150 21.72 -35.11 0.24
N HIS B 151 22.15 -35.65 1.38
CA HIS B 151 21.47 -35.48 2.68
C HIS B 151 21.33 -33.99 2.99
N GLU B 152 20.10 -33.58 3.32
CA GLU B 152 19.81 -32.19 3.63
C GLU B 152 19.90 -31.94 5.13
N TYR B 153 20.48 -30.80 5.49
CA TYR B 153 20.62 -30.39 6.89
C TYR B 153 20.07 -28.98 7.12
N PRO B 154 19.29 -28.80 8.22
CA PRO B 154 18.71 -27.48 8.53
C PRO B 154 19.75 -26.50 9.10
N LEU B 155 19.35 -25.22 9.17
CA LEU B 155 20.21 -24.14 9.68
C LEU B 155 20.75 -24.39 11.10
N SER B 156 19.91 -24.95 11.96
CA SER B 156 20.30 -25.29 13.35
C SER B 156 21.50 -26.25 13.40
N TRP B 157 21.52 -27.23 12.51
CA TRP B 157 22.61 -28.21 12.38
C TRP B 157 23.91 -27.53 11.90
N MET B 158 23.78 -26.69 10.88
CA MET B 158 24.91 -25.95 10.29
C MET B 158 25.51 -24.94 11.28
N LYS B 159 24.65 -24.23 12.01
CA LYS B 159 25.06 -23.29 13.07
C LYS B 159 25.89 -23.97 14.16
N GLU B 160 25.43 -25.13 14.62
CA GLU B 160 26.11 -25.92 15.65
C GLU B 160 27.54 -26.29 15.24
N LYS B 161 27.69 -26.79 14.01
CA LYS B 161 29.00 -27.16 13.46
C LYS B 161 29.93 -25.96 13.31
N ILE B 162 29.37 -24.83 12.88
CA ILE B 162 30.09 -23.56 12.72
C ILE B 162 30.64 -23.03 14.06
N PHE B 163 29.79 -23.00 15.09
CA PHE B 163 30.19 -22.45 16.39
C PHE B 163 31.08 -23.35 17.23
N SER B 164 30.95 -24.66 17.05
CA SER B 164 31.81 -25.65 17.73
C SER B 164 33.17 -25.85 17.04
N GLU B 165 33.36 -25.16 15.91
CA GLU B 165 34.58 -25.22 15.07
C GLU B 165 34.89 -26.63 14.55
N VAL B 166 33.84 -27.36 14.24
CA VAL B 166 33.93 -28.69 13.63
C VAL B 166 33.41 -28.57 12.19
N THR B 167 34.28 -28.84 11.22
CA THR B 167 33.95 -28.79 9.80
C THR B 167 32.76 -29.72 9.51
N PRO B 168 31.67 -29.18 8.91
CA PRO B 168 30.44 -29.94 8.64
C PRO B 168 30.66 -31.22 7.82
N LYS B 169 30.30 -32.33 8.45
CA LYS B 169 30.47 -33.67 7.89
C LYS B 169 29.13 -34.39 7.89
N CYS B 170 28.82 -35.07 6.79
CA CYS B 170 27.57 -35.81 6.65
C CYS B 170 27.53 -37.02 7.57
N GLU B 171 26.43 -37.16 8.30
CA GLU B 171 26.24 -38.22 9.30
C GLU B 171 26.03 -39.60 8.68
N ASP B 172 25.75 -39.62 7.38
CA ASP B 172 25.58 -40.87 6.63
C ASP B 172 26.87 -41.30 5.92
N CYS B 173 27.38 -40.43 5.04
CA CYS B 173 28.45 -40.81 4.10
C CYS B 173 29.82 -40.13 4.31
N GLN B 174 29.96 -39.36 5.39
CA GLN B 174 31.22 -38.72 5.80
C GLN B 174 31.69 -37.53 4.93
N SER B 175 30.94 -37.22 3.87
CA SER B 175 31.28 -36.14 2.94
C SER B 175 31.05 -34.76 3.55
N LEU B 176 31.73 -33.75 3.00
CA LEU B 176 31.54 -32.35 3.38
C LEU B 176 30.08 -31.93 3.19
N VAL B 177 29.57 -31.18 4.16
CA VAL B 177 28.24 -30.56 4.05
C VAL B 177 28.46 -29.08 3.78
N LYS B 178 27.79 -28.61 2.74
CA LYS B 178 27.94 -27.26 2.23
C LYS B 178 26.60 -26.52 2.34
N PRO B 179 26.62 -25.27 2.85
CA PRO B 179 25.39 -24.45 2.79
C PRO B 179 24.96 -24.23 1.35
N ASP B 180 23.64 -24.08 1.13
CA ASP B 180 23.08 -23.97 -0.22
C ASP B 180 23.33 -22.61 -0.88
N ILE B 181 24.53 -22.07 -0.67
CA ILE B 181 24.94 -20.82 -1.28
C ILE B 181 25.60 -21.10 -2.63
N VAL B 182 25.60 -20.08 -3.48
CA VAL B 182 26.33 -20.12 -4.75
C VAL B 182 27.71 -19.53 -4.47
N PHE B 183 28.74 -20.39 -4.47
CA PHE B 183 30.12 -19.93 -4.41
C PHE B 183 30.51 -19.31 -5.76
N PHE B 184 31.48 -18.41 -5.73
CA PHE B 184 32.08 -17.90 -6.97
C PHE B 184 32.62 -19.06 -7.79
N GLY B 185 32.23 -19.10 -9.06
CA GLY B 185 32.58 -20.20 -9.96
C GLY B 185 31.48 -21.24 -10.17
N GLU B 186 30.43 -21.17 -9.35
CA GLU B 186 29.25 -22.04 -9.50
C GLU B 186 28.18 -21.36 -10.37
N SER B 187 27.30 -22.18 -10.93
CA SER B 187 26.14 -21.69 -11.67
C SER B 187 25.07 -21.17 -10.73
N LEU B 188 24.39 -20.11 -11.15
CA LEU B 188 23.26 -19.56 -10.43
C LEU B 188 22.04 -20.47 -10.62
N PRO B 189 21.05 -20.41 -9.69
CA PRO B 189 19.85 -21.25 -9.85
C PRO B 189 19.08 -20.96 -11.13
N ALA B 190 18.47 -22.00 -11.72
CA ALA B 190 17.65 -21.85 -12.93
C ALA B 190 16.56 -20.78 -12.76
N ARG B 191 16.02 -20.67 -11.54
CA ARG B 191 15.02 -19.65 -11.21
C ARG B 191 15.47 -18.22 -11.52
N PHE B 192 16.74 -17.93 -11.30
CA PHE B 192 17.32 -16.61 -11.61
C PHE B 192 17.08 -16.25 -13.08
N PHE B 193 17.46 -17.16 -13.98
CA PHE B 193 17.33 -16.91 -15.41
C PHE B 193 15.89 -16.96 -15.88
N SER B 194 15.10 -17.89 -15.35
CA SER B 194 13.68 -17.99 -15.66
C SER B 194 12.93 -16.72 -15.32
N CYS B 195 13.08 -16.25 -14.08
CA CYS B 195 12.39 -15.03 -13.65
C CYS B 195 12.90 -13.78 -14.37
N MET B 196 14.21 -13.71 -14.62
CA MET B 196 14.80 -12.57 -15.35
C MET B 196 14.16 -12.39 -16.72
N GLN B 197 13.88 -13.52 -17.39
CA GLN B 197 13.30 -13.51 -18.74
C GLN B 197 11.87 -12.99 -18.81
N SER B 198 11.16 -13.00 -17.69
CA SER B 198 9.78 -12.50 -17.63
C SER B 198 9.69 -11.15 -16.93
N ASP B 199 10.38 -11.03 -15.78
CA ASP B 199 10.21 -9.88 -14.90
C ASP B 199 10.65 -8.57 -15.55
N PHE B 200 11.76 -8.61 -16.29
CA PHE B 200 12.37 -7.38 -16.83
C PHE B 200 11.76 -6.92 -18.15
N LEU B 201 10.78 -7.66 -18.66
CA LEU B 201 10.03 -7.25 -19.84
C LEU B 201 9.02 -6.15 -19.50
N LYS B 202 8.41 -6.26 -18.32
CA LYS B 202 7.42 -5.28 -17.91
C LYS B 202 7.63 -4.94 -16.44
N VAL B 203 8.50 -3.96 -16.24
CA VAL B 203 8.79 -3.41 -14.92
C VAL B 203 8.73 -1.89 -15.01
N ASP B 204 8.12 -1.28 -14.00
CA ASP B 204 7.92 0.16 -13.98
C ASP B 204 9.03 0.91 -13.26
N LEU B 205 9.68 0.24 -12.31
CA LEU B 205 10.73 0.87 -11.50
C LEU B 205 11.69 -0.17 -10.97
N LEU B 206 12.98 0.14 -11.05
CA LEU B 206 14.02 -0.64 -10.39
C LEU B 206 14.50 0.11 -9.16
N LEU B 207 14.54 -0.61 -8.04
CA LEU B 207 15.05 -0.06 -6.80
C LEU B 207 16.27 -0.88 -6.44
N VAL B 208 17.43 -0.25 -6.56
CA VAL B 208 18.72 -0.92 -6.35
C VAL B 208 19.24 -0.43 -4.99
N MET B 209 19.40 -1.36 -4.05
CA MET B 209 19.75 -0.99 -2.67
C MET B 209 20.89 -1.81 -2.09
N GLY B 210 21.89 -1.12 -1.56
CA GLY B 210 22.99 -1.76 -0.83
C GLY B 210 23.89 -2.67 -1.64
N THR B 211 24.04 -2.32 -2.92
CA THR B 211 24.95 -3.02 -3.81
C THR B 211 25.60 -2.07 -4.81
N SER B 212 26.90 -2.28 -5.03
CA SER B 212 27.65 -1.56 -6.05
C SER B 212 27.68 -2.31 -7.38
N LEU B 213 26.88 -3.39 -7.46
CA LEU B 213 26.71 -4.19 -8.68
C LEU B 213 28.04 -4.60 -9.32
N GLN B 214 28.88 -5.24 -8.52
CA GLN B 214 30.20 -5.70 -8.97
C GLN B 214 30.28 -7.23 -9.12
N VAL B 215 29.17 -7.93 -8.89
CA VAL B 215 29.12 -9.38 -9.01
C VAL B 215 28.24 -9.76 -10.21
N GLN B 216 28.80 -10.59 -11.10
CA GLN B 216 28.10 -11.05 -12.30
C GLN B 216 27.60 -12.49 -12.12
N PRO B 217 26.49 -12.89 -12.78
CA PRO B 217 25.73 -12.06 -13.73
C PRO B 217 24.65 -11.17 -13.09
N PHE B 218 24.61 -11.11 -11.75
CA PHE B 218 23.62 -10.27 -11.05
C PHE B 218 23.67 -8.81 -11.52
N ALA B 219 24.88 -8.27 -11.66
CA ALA B 219 25.08 -6.88 -12.11
C ALA B 219 24.44 -6.54 -13.45
N SER B 220 24.29 -7.54 -14.32
CA SER B 220 23.73 -7.35 -15.66
C SER B 220 22.20 -7.12 -15.67
N LEU B 221 21.54 -7.39 -14.54
CA LEU B 221 20.07 -7.32 -14.46
C LEU B 221 19.46 -5.97 -14.79
N ILE B 222 20.05 -4.88 -14.30
CA ILE B 222 19.44 -3.55 -14.50
C ILE B 222 19.39 -3.10 -15.96
N SER B 223 20.31 -3.63 -16.78
CA SER B 223 20.32 -3.38 -18.22
C SER B 223 19.22 -4.14 -18.98
N LYS B 224 18.57 -5.08 -18.30
CA LYS B 224 17.53 -5.93 -18.89
C LYS B 224 16.16 -5.26 -18.93
N ALA B 225 15.97 -4.24 -18.07
CA ALA B 225 14.74 -3.47 -18.03
C ALA B 225 14.58 -2.61 -19.29
N PRO B 226 13.32 -2.24 -19.65
CA PRO B 226 13.13 -1.28 -20.75
C PRO B 226 13.90 0.01 -20.50
N LEU B 227 14.36 0.63 -21.58
CA LEU B 227 15.16 1.86 -21.47
C LEU B 227 14.42 3.03 -20.81
N SER B 228 13.09 2.96 -20.78
CA SER B 228 12.25 3.96 -20.13
C SER B 228 12.14 3.78 -18.61
N THR B 229 12.44 2.58 -18.10
CA THR B 229 12.21 2.27 -16.69
C THR B 229 13.13 3.07 -15.77
N PRO B 230 12.55 3.97 -14.92
CA PRO B 230 13.38 4.68 -13.95
C PRO B 230 14.07 3.73 -12.98
N ARG B 231 15.23 4.14 -12.50
CA ARG B 231 16.05 3.33 -11.61
C ARG B 231 16.58 4.20 -10.49
N LEU B 232 16.26 3.81 -9.26
CA LEU B 232 16.74 4.49 -8.07
C LEU B 232 17.78 3.65 -7.34
N LEU B 233 18.94 4.25 -7.11
CA LEU B 233 19.98 3.65 -6.30
C LEU B 233 19.96 4.25 -4.91
N ILE B 234 19.85 3.39 -3.89
CA ILE B 234 20.06 3.76 -2.49
C ILE B 234 21.27 2.97 -2.02
N ASN B 235 22.39 3.69 -1.84
CA ASN B 235 23.67 3.06 -1.54
C ASN B 235 24.66 4.07 -0.96
N LYS B 236 25.67 3.57 -0.25
CA LYS B 236 26.75 4.40 0.29
C LYS B 236 27.59 5.08 -0.80
N GLU B 237 27.70 4.42 -1.96
CA GLU B 237 28.54 4.88 -3.08
C GLU B 237 27.71 5.01 -4.37
N LYS B 238 28.07 6.01 -5.18
CA LYS B 238 27.42 6.26 -6.47
C LYS B 238 27.96 5.36 -7.58
N ALA B 239 29.26 5.07 -7.52
CA ALA B 239 29.94 4.22 -8.52
C ALA B 239 29.44 2.78 -8.50
N GLY B 240 29.31 2.20 -9.68
CA GLY B 240 28.85 0.82 -9.85
C GLY B 240 29.17 0.22 -11.20
N GLY B 243 25.67 -0.02 -15.13
CA GLY B 243 25.43 0.91 -16.24
C GLY B 243 24.51 2.08 -15.92
N MET B 244 24.49 2.50 -14.65
CA MET B 244 23.70 3.65 -14.19
C MET B 244 24.30 4.96 -14.71
N ASP B 245 23.42 5.89 -15.11
CA ASP B 245 23.83 7.22 -15.50
C ASP B 245 23.05 8.30 -14.73
N PHE B 246 23.65 8.83 -13.68
CA PHE B 246 23.00 9.83 -12.84
C PHE B 246 23.23 11.26 -13.28
N ASP B 247 24.42 11.55 -13.81
CA ASP B 247 24.83 12.96 -13.95
C ASP B 247 25.53 13.35 -15.25
N SER B 248 25.58 12.44 -16.23
CA SER B 248 26.10 12.79 -17.55
C SER B 248 25.13 13.72 -18.27
N LYS B 249 25.59 14.31 -19.37
CA LYS B 249 24.77 15.15 -20.22
C LYS B 249 23.53 14.42 -20.75
N LYS B 250 23.60 13.09 -20.77
CA LYS B 250 22.53 12.24 -21.31
C LYS B 250 21.70 11.56 -20.23
N ALA B 251 21.87 11.97 -18.97
CA ALA B 251 21.09 11.42 -17.84
C ALA B 251 19.60 11.72 -18.03
N TYR B 252 18.73 10.73 -17.79
CA TYR B 252 17.31 10.90 -18.07
C TYR B 252 16.36 10.11 -17.17
N ARG B 253 16.89 9.14 -16.43
CA ARG B 253 16.02 8.19 -15.72
C ARG B 253 16.58 7.60 -14.42
N ASP B 254 17.86 7.84 -14.16
CA ASP B 254 18.53 7.26 -12.99
C ASP B 254 18.74 8.29 -11.90
N VAL B 255 18.44 7.89 -10.67
CA VAL B 255 18.54 8.75 -9.48
C VAL B 255 19.37 8.04 -8.42
N ALA B 256 20.30 8.78 -7.81
CA ALA B 256 21.11 8.27 -6.70
C ALA B 256 20.76 8.98 -5.40
N TRP B 257 20.55 8.19 -4.36
CA TRP B 257 20.44 8.67 -2.99
C TRP B 257 21.60 8.04 -2.22
N LEU B 258 22.49 8.89 -1.72
CA LEU B 258 23.71 8.40 -1.07
C LEU B 258 23.64 8.42 0.45
N GLY B 259 23.82 7.25 1.03
CA GLY B 259 23.79 7.07 2.48
C GLY B 259 23.46 5.64 2.83
N GLU B 260 23.09 5.42 4.08
CA GLU B 260 22.74 4.08 4.55
C GLU B 260 21.35 3.69 4.06
N CYS B 261 21.17 2.41 3.78
CA CYS B 261 19.93 1.90 3.19
C CYS B 261 18.69 2.15 4.04
N ASP B 262 18.83 1.99 5.36
CA ASP B 262 17.73 2.26 6.28
C ASP B 262 17.24 3.69 6.16
N GLN B 263 18.17 4.64 6.14
CA GLN B 263 17.85 6.07 6.07
C GLN B 263 17.22 6.46 4.73
N GLY B 264 17.72 5.88 3.63
CA GLY B 264 17.16 6.10 2.29
C GLY B 264 15.73 5.61 2.18
N CYS B 265 15.48 4.44 2.74
CA CYS B 265 14.15 3.86 2.76
C CYS B 265 13.17 4.65 3.63
N LEU B 266 13.66 5.18 4.76
CA LEU B 266 12.85 6.06 5.61
C LEU B 266 12.47 7.35 4.87
N ALA B 267 13.46 7.94 4.17
CA ALA B 267 13.25 9.16 3.38
C ALA B 267 12.22 8.96 2.27
N LEU B 268 12.32 7.83 1.57
CA LEU B 268 11.37 7.48 0.52
C LEU B 268 9.98 7.20 1.08
N ALA B 269 9.92 6.41 2.16
CA ALA B 269 8.66 6.11 2.84
C ALA B 269 7.92 7.37 3.28
N GLU B 270 8.66 8.34 3.84
CA GLU B 270 8.07 9.61 4.28
C GLU B 270 7.43 10.37 3.12
N LEU B 271 8.12 10.40 1.99
CA LEU B 271 7.57 11.04 0.78
C LEU B 271 6.29 10.36 0.28
N LEU B 272 6.18 9.05 0.53
CA LEU B 272 5.02 8.25 0.11
C LEU B 272 3.90 8.24 1.16
N GLY B 273 4.11 8.94 2.27
CA GLY B 273 3.15 9.01 3.37
C GLY B 273 3.08 7.72 4.17
N TRP B 274 4.14 6.90 4.09
CA TRP B 274 4.17 5.58 4.71
C TRP B 274 5.15 5.47 5.88
N LYS B 275 5.62 6.62 6.37
CA LYS B 275 6.63 6.65 7.43
C LYS B 275 6.18 5.98 8.74
N LYS B 276 5.02 6.40 9.24
CA LYS B 276 4.44 5.84 10.47
C LYS B 276 4.14 4.35 10.30
N GLU B 277 3.59 3.99 9.14
CA GLU B 277 3.26 2.59 8.82
C GLU B 277 4.50 1.70 8.78
N LEU B 278 5.58 2.19 8.18
CA LEU B 278 6.86 1.46 8.13
C LEU B 278 7.44 1.24 9.53
N GLU B 279 7.44 2.30 10.34
CA GLU B 279 7.95 2.22 11.71
C GLU B 279 7.14 1.26 12.57
N ASP B 280 5.81 1.31 12.43
CA ASP B 280 4.89 0.41 13.14
C ASP B 280 5.08 -1.05 12.74
N LEU B 281 5.27 -1.27 11.45
CA LEU B 281 5.56 -2.61 10.92
C LEU B 281 6.86 -3.18 11.50
N VAL B 282 7.93 -2.38 11.46
CA VAL B 282 9.23 -2.78 12.04
C VAL B 282 9.07 -3.13 13.52
N ARG B 283 8.39 -2.26 14.27
CA ARG B 283 8.19 -2.45 15.71
C ARG B 283 7.47 -3.77 16.00
N ARG B 284 6.35 -4.00 15.32
CA ARG B 284 5.56 -5.23 15.52
C ARG B 284 6.33 -6.49 15.14
N GLU B 285 7.00 -6.44 13.99
CA GLU B 285 7.74 -7.59 13.50
C GLU B 285 8.98 -7.91 14.34
N HIS B 286 9.68 -6.86 14.79
CA HIS B 286 10.81 -7.05 15.70
C HIS B 286 10.36 -7.64 17.03
N ALA B 287 9.21 -7.17 17.53
CA ALA B 287 8.62 -7.70 18.76
C ALA B 287 8.28 -9.19 18.63
N SER B 288 7.71 -9.57 17.48
CA SER B 288 7.38 -10.96 17.19
C SER B 288 8.62 -11.86 17.15
N ILE B 289 9.71 -11.35 16.57
CA ILE B 289 10.99 -12.07 16.53
C ILE B 289 11.59 -12.20 17.94
N ASP B 290 11.61 -11.10 18.69
CA ASP B 290 12.18 -11.07 20.05
C ASP B 290 11.42 -11.97 21.03
N ALA B 291 10.14 -12.21 20.74
CA ALA B 291 9.29 -13.10 21.55
C ALA B 291 9.47 -14.59 21.23
N GLN B 292 10.13 -14.89 20.10
CA GLN B 292 10.44 -16.27 19.71
C GLN B 292 11.63 -16.81 20.50
N THR C 1 -17.02 4.14 22.22
CA THR C 1 -17.86 4.98 21.31
C THR C 1 -19.02 4.18 20.71
N ALA C 2 -20.03 4.90 20.21
CA ALA C 2 -21.22 4.29 19.62
C ALA C 2 -20.86 3.54 18.34
N ARG C 3 -21.16 2.24 18.33
CA ARG C 3 -20.86 1.37 17.18
C ARG C 3 -21.75 1.74 15.99
N SER C 5 -24.41 1.55 13.51
CA SER C 5 -25.76 0.99 13.59
C SER C 5 -26.74 1.58 12.58
N THR C 6 -27.77 0.80 12.25
CA THR C 6 -28.81 1.18 11.28
C THR C 6 -29.80 2.23 11.79
N GLY C 7 -29.62 2.68 13.03
CA GLY C 7 -30.45 3.71 13.64
C GLY C 7 -30.09 3.99 15.08
N THR D 1 25.17 -21.27 -18.63
CA THR D 1 25.00 -19.85 -18.19
C THR D 1 26.28 -19.31 -17.53
N ALA D 2 26.39 -17.98 -17.47
CA ALA D 2 27.55 -17.31 -16.88
C ALA D 2 27.64 -17.55 -15.38
N ARG D 3 28.74 -18.16 -14.95
CA ARG D 3 28.97 -18.49 -13.53
C ARG D 3 29.16 -17.22 -12.69
N SER D 5 30.89 -14.65 -10.70
CA SER D 5 32.19 -14.01 -10.91
C SER D 5 32.23 -12.57 -10.41
N THR D 6 33.42 -12.10 -10.03
CA THR D 6 33.65 -10.70 -9.66
C THR D 6 33.75 -9.80 -10.89
N GLY D 7 34.12 -10.39 -12.03
CA GLY D 7 34.23 -9.66 -13.30
C GLY D 7 33.05 -9.92 -14.21
#